data_4AUR
#
_entry.id   4AUR
#
_cell.length_a   185.515
_cell.length_b   53.659
_cell.length_c   73.949
_cell.angle_alpha   90.00
_cell.angle_beta   96.65
_cell.angle_gamma   90.00
#
_symmetry.space_group_name_H-M   'C 1 2 1'
#
loop_
_entity.id
_entity.type
_entity.pdbx_description
1 polymer LEOA
2 non-polymer 'SULFATE ION'
3 water water
#
_entity_poly.entity_id   1
_entity_poly.type   'polypeptide(L)'
_entity_poly.pdbx_seq_one_letter_code
;(MSE)EQFKQFSIEKQAAINSLLQLRG(MSE)LE(MSE)LGE(MSE)GINISDDLQKVTSAINAIESDVLRIALLGAFSD
GKTSVIAAWLGKV(MSE)DD(MSE)NIS(MSE)DESSDRLSIYKPEGLPDQCEIVDTPGLFGDKEREVDGRLV(MSE)YE
DLTRRYISEAHLIFYVVDATNPLKESHSDIVKWVLRDLNKLSSTIFVINK(MSE)DEVTSLTDQALFDEQAAIKKANLKG
KLQRAADLTAQECEQLNIVCVASNPNGRGLTYWFTKPEHYESRSRINDLKNAATEILKTNVPEVLLVKTG(MSE)DVVKD
IVIQRVTLASRHLDELNTFVEKNDED(MSE)HRFSNDIKQSRIEVKRLAGELFEELNL(MSE)EKQL(MSE)SQLRPLDL
DDIRPF(MSE)DDELGYTEDGVGFKLHLRIKQSVDRFFEQSTAVSQRLSDDITRQLSSSESFLSGLGEGAFRSLGGAFKG
VSKISPATLKTTILAARDTIGKLTGYVYKFKPWEATKLAGSIAKWAGPVGAAFTIGSDLWDAYKAHEREQELKEVKASLA
KIIKEPFEDIYDVLSSDEK(MSE)FAFFAPQIQQ(MSE)EQVVTELAEKSQAIRDNRQKLSLIQTQLAQL(MSE)VPATE
NHTAR
;
_entity_poly.pdbx_strand_id   A
#
# COMPACT_ATOMS: atom_id res chain seq x y z
N GLU A 2 25.09 14.60 -31.38
CA GLU A 2 26.20 13.82 -31.90
C GLU A 2 26.80 12.98 -30.77
N GLN A 3 27.88 12.25 -31.04
CA GLN A 3 28.26 11.11 -30.20
C GLN A 3 28.88 11.47 -28.86
N PHE A 4 29.68 12.52 -28.80
CA PHE A 4 30.38 12.88 -27.58
C PHE A 4 29.50 13.69 -26.66
N LYS A 5 28.52 14.40 -27.21
CA LYS A 5 27.56 15.14 -26.39
C LYS A 5 26.56 14.17 -25.77
N GLN A 6 26.24 13.08 -26.49
CA GLN A 6 25.30 12.09 -26.03
C GLN A 6 25.93 11.33 -24.91
N PHE A 7 27.22 11.05 -25.05
CA PHE A 7 27.90 10.31 -24.05
C PHE A 7 27.95 11.18 -22.83
N SER A 8 28.58 12.33 -22.97
CA SER A 8 28.74 13.23 -21.83
C SER A 8 27.41 13.37 -21.07
N ILE A 9 26.30 13.46 -21.80
CA ILE A 9 24.95 13.51 -21.25
C ILE A 9 24.55 12.23 -20.55
N GLU A 10 24.78 11.09 -21.19
CA GLU A 10 24.47 9.82 -20.56
C GLU A 10 25.36 9.60 -19.36
N LYS A 11 26.61 10.03 -19.41
CA LYS A 11 27.45 10.00 -18.22
C LYS A 11 26.80 10.75 -17.09
N GLN A 12 26.36 11.97 -17.34
CA GLN A 12 25.76 12.74 -16.27
C GLN A 12 24.48 12.08 -15.77
N ALA A 13 23.65 11.59 -16.67
CA ALA A 13 22.41 10.97 -16.20
C ALA A 13 22.71 9.85 -15.23
N ALA A 14 23.73 9.06 -15.51
CA ALA A 14 24.09 7.91 -14.66
C ALA A 14 24.60 8.36 -13.32
N ILE A 15 25.37 9.43 -13.32
CA ILE A 15 25.81 10.04 -12.11
C ILE A 15 24.59 10.55 -11.32
N ASN A 16 23.65 11.22 -11.97
CA ASN A 16 22.45 11.62 -11.24
C ASN A 16 21.75 10.43 -10.62
N SER A 17 21.46 9.42 -11.43
CA SER A 17 20.76 8.26 -10.97
C SER A 17 21.44 7.68 -9.72
N LEU A 18 22.75 7.82 -9.62
CA LEU A 18 23.47 7.35 -8.44
C LEU A 18 23.35 8.31 -7.26
N LEU A 19 23.26 9.61 -7.53
CA LEU A 19 22.95 10.53 -6.44
C LEU A 19 21.54 10.27 -5.88
N GLN A 20 20.59 9.94 -6.73
CA GLN A 20 19.24 9.61 -6.25
C GLN A 20 19.28 8.33 -5.46
N LEU A 21 20.13 7.40 -5.89
CA LEU A 21 20.36 6.19 -5.13
C LEU A 21 20.83 6.53 -3.74
N ARG A 22 21.83 7.38 -3.64
CA ARG A 22 22.33 7.87 -2.34
C ARG A 22 21.23 8.45 -1.48
N GLY A 23 20.32 9.19 -2.10
CA GLY A 23 19.20 9.78 -1.40
C GLY A 23 18.25 8.71 -0.90
N LEU A 25 19.11 5.75 -0.12
CA LEU A 25 19.80 5.07 1.00
C LEU A 25 19.69 5.80 2.31
N GLU A 26 19.82 7.12 2.27
CA GLU A 26 19.62 7.94 3.46
C GLU A 26 18.24 7.71 4.10
N LEU A 28 16.21 4.89 3.78
CA LEU A 28 16.24 3.57 4.41
C LEU A 28 16.95 3.63 5.75
N GLY A 29 18.11 4.27 5.78
CA GLY A 29 18.83 4.44 7.04
C GLY A 29 17.89 5.06 8.04
N GLU A 30 17.11 6.01 7.58
CA GLU A 30 16.21 6.71 8.47
C GLU A 30 15.12 5.81 9.04
N GLY A 32 15.73 2.76 9.85
CA GLY A 32 16.45 1.80 10.68
C GLY A 32 16.95 0.61 9.91
N ILE A 33 17.10 0.76 8.61
CA ILE A 33 17.56 -0.33 7.75
C ILE A 33 19.05 -0.21 7.55
N ASN A 34 19.68 -1.34 7.20
CA ASN A 34 21.16 -1.56 7.21
C ASN A 34 22.07 -0.44 6.70
N ILE A 35 22.17 -0.33 5.37
CA ILE A 35 23.14 0.53 4.67
C ILE A 35 24.60 -0.02 4.61
N SER A 36 25.06 -0.68 5.66
CA SER A 36 26.50 -0.81 5.96
C SER A 36 27.22 0.46 5.52
N ASP A 37 27.93 0.41 4.40
CA ASP A 37 28.64 1.59 3.89
C ASP A 37 28.28 1.83 2.43
N ASP A 38 27.04 1.51 2.07
CA ASP A 38 26.53 1.69 0.72
C ASP A 38 26.62 3.17 0.30
N LEU A 39 26.47 4.09 1.24
CA LEU A 39 26.63 5.51 0.92
C LEU A 39 28.02 5.86 0.42
N GLN A 40 29.05 5.41 1.13
CA GLN A 40 30.40 5.69 0.68
C GLN A 40 30.76 4.88 -0.56
N LYS A 41 30.20 3.68 -0.70
CA LYS A 41 30.46 2.87 -1.90
C LYS A 41 29.93 3.62 -3.10
N VAL A 42 28.71 4.12 -2.99
CA VAL A 42 28.08 4.87 -4.10
C VAL A 42 28.86 6.13 -4.51
N THR A 43 29.24 6.95 -3.54
CA THR A 43 30.13 8.10 -3.82
C THR A 43 31.39 7.70 -4.61
N SER A 44 32.11 6.67 -4.15
CA SER A 44 33.26 6.14 -4.89
C SER A 44 32.94 5.81 -6.35
N ALA A 45 31.83 5.13 -6.59
CA ALA A 45 31.47 4.77 -7.96
C ALA A 45 31.19 6.01 -8.79
N ILE A 46 30.67 7.06 -8.17
CA ILE A 46 30.47 8.30 -8.90
C ILE A 46 31.80 8.90 -9.36
N ASN A 47 32.80 8.81 -8.48
CA ASN A 47 34.10 9.35 -8.77
C ASN A 47 34.77 8.57 -9.84
N ALA A 48 34.75 7.25 -9.72
CA ALA A 48 35.31 6.41 -10.76
C ALA A 48 34.70 6.72 -12.09
N ILE A 49 33.40 6.98 -12.10
CA ILE A 49 32.66 7.16 -13.36
C ILE A 49 33.02 8.44 -14.07
N GLU A 50 33.23 9.50 -13.30
CA GLU A 50 33.66 10.81 -13.82
C GLU A 50 34.85 10.72 -14.79
N SER A 51 35.81 9.86 -14.48
CA SER A 51 36.97 9.67 -15.35
C SER A 51 36.60 9.19 -16.75
N ASP A 52 35.76 8.16 -16.79
CA ASP A 52 35.48 7.40 -17.99
C ASP A 52 35.17 8.25 -19.24
N VAL A 53 35.59 7.73 -20.39
CA VAL A 53 35.44 8.38 -21.68
C VAL A 53 34.82 7.38 -22.64
N LEU A 54 34.21 7.89 -23.72
CA LEU A 54 33.63 7.04 -24.75
C LEU A 54 34.61 6.06 -25.36
N ARG A 55 34.21 4.79 -25.45
CA ARG A 55 35.06 3.73 -25.95
C ARG A 55 34.31 2.94 -27.00
N ILE A 56 34.96 2.75 -28.15
CA ILE A 56 34.39 2.00 -29.26
C ILE A 56 35.32 0.84 -29.56
N ALA A 57 34.77 -0.35 -29.65
CA ALA A 57 35.54 -1.47 -30.13
C ALA A 57 35.30 -1.57 -31.61
N LEU A 58 36.37 -1.40 -32.37
CA LEU A 58 36.31 -1.48 -33.80
C LEU A 58 36.76 -2.85 -34.26
N LEU A 59 35.77 -3.65 -34.63
CA LEU A 59 35.99 -5.05 -35.00
C LEU A 59 35.74 -5.32 -36.48
N GLY A 60 36.54 -6.21 -37.05
CA GLY A 60 36.41 -6.57 -38.46
C GLY A 60 37.75 -6.69 -39.15
N ALA A 61 37.74 -7.29 -40.33
CA ALA A 61 38.93 -7.41 -41.13
C ALA A 61 39.21 -6.05 -41.72
N PHE A 62 40.49 -5.71 -41.85
CA PHE A 62 40.87 -4.38 -42.34
C PHE A 62 40.53 -4.21 -43.81
N SER A 63 40.62 -5.31 -44.55
CA SER A 63 40.25 -5.36 -45.96
C SER A 63 38.77 -5.05 -46.19
N ASP A 64 37.93 -5.23 -45.17
CA ASP A 64 36.55 -4.79 -45.25
C ASP A 64 36.40 -3.29 -44.91
N GLY A 65 37.51 -2.58 -44.81
CA GLY A 65 37.42 -1.11 -44.80
C GLY A 65 36.91 -0.52 -43.50
N LYS A 66 37.30 -1.19 -42.43
CA LYS A 66 37.00 -0.80 -41.06
C LYS A 66 37.53 0.59 -40.74
N THR A 67 38.74 0.88 -41.21
CA THR A 67 39.41 2.12 -40.86
C THR A 67 38.68 3.31 -41.47
N SER A 68 38.12 3.12 -42.65
CA SER A 68 37.35 4.17 -43.29
C SER A 68 36.12 4.44 -42.43
N VAL A 69 35.47 3.37 -41.99
CA VAL A 69 34.21 3.51 -41.26
C VAL A 69 34.36 4.36 -40.00
N ILE A 70 35.44 4.19 -39.24
CA ILE A 70 35.57 4.90 -37.98
C ILE A 70 35.96 6.36 -38.15
N ALA A 71 36.96 6.63 -39.00
CA ALA A 71 37.28 8.00 -39.39
C ALA A 71 36.04 8.71 -39.92
N ALA A 72 35.32 8.05 -40.82
CA ALA A 72 34.11 8.65 -41.38
C ALA A 72 33.18 9.12 -40.31
N TRP A 73 33.01 8.28 -39.29
CA TRP A 73 31.98 8.47 -38.27
C TRP A 73 32.37 9.57 -37.32
N LEU A 74 33.63 9.53 -36.89
CA LEU A 74 34.20 10.58 -36.04
C LEU A 74 34.11 11.95 -36.68
N GLY A 75 34.40 11.98 -37.98
CA GLY A 75 34.39 13.19 -38.77
C GLY A 75 35.72 13.54 -39.41
N LYS A 76 36.83 13.03 -38.88
CA LYS A 76 38.16 13.44 -39.32
C LYS A 76 38.98 12.29 -39.88
N VAL A 77 39.72 12.57 -40.96
CA VAL A 77 40.67 11.62 -41.51
C VAL A 77 41.64 11.23 -40.42
N ASP A 79 44.82 10.82 -39.88
CA ASP A 79 46.05 11.53 -39.51
C ASP A 79 45.84 12.91 -38.86
N ASP A 80 44.70 13.55 -39.16
CA ASP A 80 44.33 14.83 -38.54
C ASP A 80 44.08 14.71 -37.03
N ASN A 82 45.96 12.65 -35.37
CA ASN A 82 47.28 12.14 -34.98
C ASN A 82 47.30 10.76 -34.34
N ILE A 83 46.80 9.78 -35.08
CA ILE A 83 46.83 8.38 -34.67
C ILE A 83 46.88 7.48 -35.92
N SER A 84 47.46 6.29 -35.77
CA SER A 84 47.72 5.38 -36.90
C SER A 84 47.60 3.92 -36.46
N ASP A 86 47.70 -0.16 -36.40
CA ASP A 86 48.64 -1.24 -36.79
C ASP A 86 47.88 -2.47 -37.24
N GLU A 87 48.34 -3.07 -38.34
CA GLU A 87 47.65 -4.18 -39.01
C GLU A 87 47.75 -5.53 -38.29
N SER A 88 48.87 -5.80 -37.65
CA SER A 88 48.99 -7.03 -36.88
C SER A 88 49.88 -6.90 -35.64
N SER A 89 49.29 -7.18 -34.48
CA SER A 89 50.00 -7.38 -33.24
C SER A 89 49.15 -8.34 -32.43
N ASP A 90 49.71 -9.47 -31.99
CA ASP A 90 48.92 -10.44 -31.20
C ASP A 90 48.72 -9.96 -29.75
N ARG A 91 48.09 -8.79 -29.61
CA ARG A 91 47.68 -8.25 -28.33
C ARG A 91 46.46 -7.37 -28.59
N LEU A 92 45.84 -6.93 -27.51
CA LEU A 92 44.88 -5.86 -27.56
C LEU A 92 45.58 -4.54 -27.83
N SER A 93 44.82 -3.59 -28.38
CA SER A 93 45.39 -2.29 -28.62
C SER A 93 44.37 -1.18 -28.52
N ILE A 94 44.88 -0.01 -28.14
CA ILE A 94 44.06 1.14 -27.80
C ILE A 94 44.60 2.36 -28.49
N TYR A 95 43.72 3.11 -29.15
CA TYR A 95 44.10 4.34 -29.82
C TYR A 95 43.26 5.47 -29.22
N LYS A 96 43.92 6.57 -28.90
CA LYS A 96 43.33 7.71 -28.20
C LYS A 96 43.51 8.97 -29.07
N PRO A 97 42.68 9.09 -30.11
CA PRO A 97 42.83 10.14 -31.08
C PRO A 97 42.78 11.53 -30.47
N GLU A 98 43.40 12.48 -31.17
CA GLU A 98 43.61 13.82 -30.64
C GLU A 98 42.89 14.83 -31.49
N GLY A 99 42.82 16.06 -31.02
CA GLY A 99 42.16 17.11 -31.77
C GLY A 99 40.69 16.86 -32.02
N LEU A 100 40.07 16.04 -31.16
CA LEU A 100 38.63 15.77 -31.24
C LEU A 100 37.96 16.57 -30.14
N PRO A 101 36.63 16.74 -30.20
CA PRO A 101 35.97 17.60 -29.21
C PRO A 101 36.21 17.11 -27.78
N ASP A 102 36.11 15.79 -27.59
CA ASP A 102 36.39 15.16 -26.34
C ASP A 102 37.32 14.01 -26.60
N GLN A 103 37.77 13.34 -25.53
CA GLN A 103 38.60 12.16 -25.66
C GLN A 103 37.75 10.94 -25.99
N CYS A 104 38.35 9.93 -26.59
CA CYS A 104 37.71 8.63 -26.69
C CYS A 104 38.74 7.61 -26.95
N GLU A 105 38.45 6.37 -26.58
CA GLU A 105 39.34 5.25 -26.73
C GLU A 105 38.84 4.37 -27.88
N ILE A 106 39.74 3.80 -28.64
CA ILE A 106 39.37 2.93 -29.74
C ILE A 106 40.10 1.66 -29.48
N VAL A 107 39.38 0.60 -29.15
CA VAL A 107 40.02 -0.66 -28.78
C VAL A 107 39.87 -1.62 -29.93
N ASP A 108 40.81 -2.52 -30.12
CA ASP A 108 40.66 -3.56 -31.15
C ASP A 108 41.61 -4.70 -30.88
N THR A 109 41.38 -5.80 -31.55
CA THR A 109 42.20 -6.97 -31.44
C THR A 109 42.74 -7.31 -32.82
N PRO A 110 43.83 -6.66 -33.26
CA PRO A 110 44.26 -6.82 -34.67
C PRO A 110 44.68 -8.23 -35.08
N GLY A 111 45.24 -9.00 -34.17
CA GLY A 111 45.62 -10.38 -34.48
C GLY A 111 44.57 -11.21 -35.18
N LEU A 112 43.31 -11.07 -34.77
CA LEU A 112 42.19 -11.86 -35.32
C LEU A 112 41.77 -11.46 -36.74
N PHE A 113 42.21 -10.29 -37.17
CA PHE A 113 41.74 -9.71 -38.40
C PHE A 113 42.93 -9.39 -39.33
N ASP A 121 45.21 -19.41 -34.05
CA ASP A 121 45.99 -19.43 -32.81
C ASP A 121 46.42 -18.03 -32.37
N GLY A 122 46.04 -17.04 -33.19
CA GLY A 122 45.89 -15.66 -32.73
C GLY A 122 44.54 -15.54 -32.02
N ARG A 123 43.78 -16.64 -32.06
CA ARG A 123 42.49 -16.81 -31.36
C ARG A 123 42.61 -17.07 -29.84
N LEU A 124 43.81 -16.93 -29.29
CA LEU A 124 43.99 -17.02 -27.85
C LEU A 124 43.53 -15.75 -27.14
N VAL A 125 43.58 -14.62 -27.83
CA VAL A 125 43.22 -13.34 -27.22
C VAL A 125 41.74 -13.26 -26.85
N TYR A 127 40.33 -15.41 -25.10
CA TYR A 127 40.24 -15.99 -23.77
C TYR A 127 41.14 -15.28 -22.75
N GLU A 128 41.57 -14.05 -23.06
CA GLU A 128 42.35 -13.25 -22.14
C GLU A 128 41.41 -12.34 -21.36
N ASP A 129 41.39 -12.47 -20.05
CA ASP A 129 40.51 -11.67 -19.21
C ASP A 129 40.68 -10.21 -19.53
N LEU A 130 41.88 -9.78 -19.87
CA LEU A 130 42.10 -8.37 -20.16
C LEU A 130 41.35 -7.88 -21.39
N THR A 131 41.54 -8.51 -22.54
CA THR A 131 40.92 -8.02 -23.76
C THR A 131 39.41 -8.21 -23.71
N ARG A 132 38.99 -9.23 -22.96
CA ARG A 132 37.58 -9.42 -22.67
C ARG A 132 37.00 -8.27 -21.83
N ARG A 133 37.71 -7.85 -20.79
CA ARG A 133 37.26 -6.70 -19.98
C ARG A 133 37.18 -5.41 -20.81
N TYR A 134 38.14 -5.16 -21.68
CA TYR A 134 38.15 -3.90 -22.39
C TYR A 134 37.02 -3.84 -23.40
N ILE A 135 36.70 -4.97 -24.02
CA ILE A 135 35.58 -4.98 -24.96
C ILE A 135 34.23 -5.08 -24.25
N SER A 136 34.14 -5.84 -23.16
CA SER A 136 32.93 -5.80 -22.36
C SER A 136 32.59 -4.36 -22.01
N GLU A 137 33.58 -3.66 -21.42
CA GLU A 137 33.39 -2.28 -20.91
C GLU A 137 33.51 -1.18 -21.99
N ALA A 138 33.20 -1.51 -23.23
CA ALA A 138 33.04 -0.53 -24.26
C ALA A 138 31.57 -0.19 -24.45
N HIS A 139 31.31 1.02 -24.92
CA HIS A 139 29.96 1.52 -24.98
C HIS A 139 29.36 1.26 -26.35
N LEU A 140 30.23 1.01 -27.32
CA LEU A 140 29.81 0.78 -28.69
C LEU A 140 30.74 -0.23 -29.33
N ILE A 141 30.20 -1.08 -30.18
CA ILE A 141 31.01 -2.08 -30.87
C ILE A 141 30.63 -2.05 -32.34
N PHE A 142 31.59 -1.81 -33.21
CA PHE A 142 31.33 -1.81 -34.65
C PHE A 142 31.96 -3.03 -35.21
N TYR A 143 31.16 -3.92 -35.73
CA TYR A 143 31.68 -5.06 -36.45
C TYR A 143 31.51 -4.75 -37.91
N VAL A 144 32.61 -4.41 -38.58
CA VAL A 144 32.54 -3.96 -39.97
C VAL A 144 32.80 -5.12 -40.90
N VAL A 145 31.86 -5.33 -41.81
CA VAL A 145 31.92 -6.44 -42.79
C VAL A 145 31.82 -5.93 -44.25
N ASP A 146 31.72 -6.86 -45.20
CA ASP A 146 31.76 -6.55 -46.63
C ASP A 146 30.37 -6.59 -47.20
N ALA A 147 30.15 -5.77 -48.20
CA ALA A 147 28.88 -5.74 -48.89
C ALA A 147 28.70 -6.92 -49.86
N THR A 148 29.76 -7.28 -50.58
CA THR A 148 29.68 -8.36 -51.57
C THR A 148 29.37 -9.70 -50.92
N ASN A 149 30.15 -10.03 -49.88
CA ASN A 149 29.99 -11.31 -49.17
C ASN A 149 30.11 -11.07 -47.65
N PRO A 150 29.04 -10.55 -47.03
CA PRO A 150 29.07 -10.13 -45.62
C PRO A 150 29.48 -11.21 -44.63
N LEU A 151 30.56 -10.95 -43.91
CA LEU A 151 31.05 -11.75 -42.79
C LEU A 151 31.96 -12.82 -43.33
N LYS A 152 33.25 -12.67 -43.07
CA LYS A 152 34.23 -13.62 -43.56
C LYS A 152 34.02 -15.00 -42.99
N GLU A 153 34.42 -16.00 -43.77
CA GLU A 153 34.07 -17.39 -43.48
C GLU A 153 34.65 -17.87 -42.15
N SER A 154 35.77 -17.28 -41.76
CA SER A 154 36.54 -17.69 -40.58
C SER A 154 36.05 -17.10 -39.24
N HIS A 155 35.08 -16.20 -39.29
CA HIS A 155 34.72 -15.39 -38.14
C HIS A 155 33.64 -15.96 -37.26
N SER A 156 33.12 -17.13 -37.56
CA SER A 156 32.04 -17.67 -36.75
C SER A 156 32.27 -17.46 -35.27
N ASP A 157 33.44 -17.84 -34.78
CA ASP A 157 33.65 -17.94 -33.34
C ASP A 157 33.87 -16.57 -32.66
N ILE A 158 34.20 -15.56 -33.48
CA ILE A 158 34.38 -14.19 -33.03
C ILE A 158 33.03 -13.54 -32.83
N VAL A 159 32.16 -13.74 -33.79
CA VAL A 159 30.77 -13.33 -33.64
C VAL A 159 30.14 -13.98 -32.39
N LYS A 160 30.44 -15.24 -32.13
CA LYS A 160 29.94 -15.92 -30.95
C LYS A 160 30.53 -15.33 -29.69
N TRP A 161 31.81 -14.99 -29.77
CA TRP A 161 32.53 -14.41 -28.63
C TRP A 161 31.89 -13.12 -28.21
N VAL A 162 31.54 -12.29 -29.19
CA VAL A 162 30.96 -10.99 -28.93
C VAL A 162 29.52 -11.10 -28.47
N LEU A 163 28.74 -11.89 -29.19
CA LEU A 163 27.29 -11.91 -28.98
C LEU A 163 26.90 -12.89 -27.90
N ARG A 164 27.55 -14.04 -27.86
CA ARG A 164 27.19 -15.01 -26.86
C ARG A 164 28.05 -14.85 -25.62
N ASP A 165 29.35 -15.13 -25.74
CA ASP A 165 30.27 -15.14 -24.59
C ASP A 165 30.19 -13.80 -23.85
N LEU A 166 30.45 -12.70 -24.55
CA LEU A 166 30.51 -11.38 -23.92
C LEU A 166 29.17 -10.70 -23.85
N ASN A 167 28.20 -11.17 -24.62
CA ASN A 167 26.82 -10.79 -24.37
C ASN A 167 26.56 -9.33 -24.74
N LYS A 168 27.22 -8.85 -25.80
CA LYS A 168 27.17 -7.42 -26.17
C LYS A 168 26.39 -7.17 -27.44
N LEU A 169 25.34 -7.96 -27.67
CA LEU A 169 24.51 -7.78 -28.84
C LEU A 169 23.77 -6.43 -28.78
N SER A 170 23.22 -6.07 -27.62
CA SER A 170 22.48 -4.80 -27.49
C SER A 170 23.37 -3.59 -27.82
N SER A 171 24.69 -3.75 -27.78
CA SER A 171 25.62 -2.65 -27.99
C SER A 171 26.54 -2.80 -29.20
N THR A 172 26.20 -3.73 -30.09
CA THR A 172 26.98 -3.97 -31.30
C THR A 172 26.20 -3.60 -32.56
N ILE A 173 26.82 -2.79 -33.42
CA ILE A 173 26.30 -2.51 -34.75
C ILE A 173 27.15 -3.23 -35.79
N PHE A 174 26.52 -4.15 -36.52
CA PHE A 174 27.16 -4.71 -37.71
C PHE A 174 26.99 -3.73 -38.85
N VAL A 175 28.11 -3.42 -39.48
CA VAL A 175 28.18 -2.33 -40.40
C VAL A 175 28.55 -2.90 -41.74
N ILE A 176 27.55 -3.04 -42.61
CA ILE A 176 27.79 -3.59 -43.92
C ILE A 176 28.28 -2.45 -44.76
N ASN A 177 29.58 -2.53 -45.07
CA ASN A 177 30.36 -1.48 -45.71
C ASN A 177 30.67 -1.78 -47.18
N LYS A 178 30.90 -0.72 -47.95
CA LYS A 178 31.12 -0.78 -49.39
C LYS A 178 29.84 -1.23 -50.09
N ASP A 180 28.44 0.52 -52.25
CA ASP A 180 28.65 0.98 -53.63
C ASP A 180 28.84 -0.19 -54.60
N GLU A 181 29.71 -1.13 -54.27
CA GLU A 181 29.96 -2.26 -55.19
C GLU A 181 28.91 -3.35 -55.06
N VAL A 182 27.70 -2.98 -54.67
CA VAL A 182 26.54 -3.86 -54.80
C VAL A 182 25.32 -3.16 -55.42
N THR A 183 25.38 -1.84 -55.57
CA THR A 183 24.20 -1.05 -55.95
C THR A 183 24.58 0.36 -56.39
N SER A 184 23.62 1.08 -56.96
CA SER A 184 23.75 2.49 -57.26
C SER A 184 23.49 3.29 -55.97
N LEU A 185 24.42 4.17 -55.61
CA LEU A 185 24.21 5.08 -54.49
C LEU A 185 23.23 6.22 -54.85
N THR A 186 22.90 6.32 -56.14
CA THR A 186 21.99 7.34 -56.65
C THR A 186 20.54 6.90 -56.52
N ASP A 187 20.27 5.67 -56.91
CA ASP A 187 18.91 5.12 -56.92
C ASP A 187 18.47 4.71 -55.51
N GLN A 188 17.94 5.69 -54.78
CA GLN A 188 17.39 5.51 -53.41
C GLN A 188 16.59 4.22 -53.18
N ALA A 189 15.73 3.87 -54.13
CA ALA A 189 14.81 2.74 -53.98
C ALA A 189 15.49 1.38 -54.23
N LEU A 190 16.52 1.37 -55.06
CA LEU A 190 17.27 0.14 -55.32
C LEU A 190 18.20 -0.17 -54.15
N PHE A 191 18.88 0.85 -53.64
CA PHE A 191 19.71 0.74 -52.44
C PHE A 191 18.94 0.05 -51.33
N ASP A 192 17.76 0.56 -51.01
CA ASP A 192 16.94 -0.01 -49.93
C ASP A 192 16.53 -1.44 -50.21
N GLU A 193 16.40 -1.80 -51.50
CA GLU A 193 16.09 -3.19 -51.87
C GLU A 193 17.28 -4.10 -51.61
N GLN A 194 18.48 -3.69 -52.04
CA GLN A 194 19.68 -4.49 -51.80
C GLN A 194 20.11 -4.42 -50.35
N ALA A 195 19.90 -3.28 -49.70
CA ALA A 195 20.26 -3.12 -48.30
C ALA A 195 19.43 -4.01 -47.40
N ALA A 196 18.18 -4.26 -47.77
CA ALA A 196 17.33 -5.13 -46.96
C ALA A 196 17.66 -6.58 -47.19
N ILE A 197 18.05 -6.92 -48.41
CA ILE A 197 18.42 -8.30 -48.73
C ILE A 197 19.74 -8.65 -48.05
N LYS A 198 20.71 -7.74 -48.11
CA LYS A 198 21.97 -7.93 -47.40
C LYS A 198 21.79 -7.96 -45.89
N LYS A 199 20.90 -7.12 -45.36
CA LYS A 199 20.58 -7.18 -43.92
C LYS A 199 20.00 -8.54 -43.54
N ALA A 200 19.22 -9.13 -44.42
CA ALA A 200 18.63 -10.42 -44.16
C ALA A 200 19.63 -11.54 -44.22
N ASN A 201 20.53 -11.49 -45.20
CA ASN A 201 21.57 -12.49 -45.37
C ASN A 201 22.50 -12.57 -44.17
N LEU A 202 23.08 -11.43 -43.80
CA LEU A 202 23.94 -11.33 -42.63
C LEU A 202 23.23 -11.73 -41.36
N LYS A 203 21.96 -11.40 -41.29
CA LYS A 203 21.14 -11.78 -40.14
C LYS A 203 21.18 -13.28 -39.98
N GLY A 204 21.02 -14.00 -41.08
CA GLY A 204 21.05 -15.45 -41.03
C GLY A 204 22.38 -16.06 -40.66
N LYS A 205 23.48 -15.54 -41.21
CA LYS A 205 24.81 -15.99 -40.81
C LYS A 205 25.15 -15.72 -39.33
N LEU A 206 24.62 -14.65 -38.75
CA LEU A 206 24.99 -14.34 -37.39
C LEU A 206 24.20 -15.26 -36.53
N GLN A 207 22.93 -15.44 -36.86
CA GLN A 207 22.08 -16.25 -36.02
C GLN A 207 22.65 -17.64 -35.90
N ARG A 208 23.30 -18.10 -36.96
CA ARG A 208 23.76 -19.47 -37.02
C ARG A 208 25.16 -19.61 -36.46
N ALA A 209 25.92 -18.53 -36.47
CA ALA A 209 27.28 -18.51 -35.91
C ALA A 209 27.28 -18.49 -34.40
N ALA A 210 26.20 -17.94 -33.82
CA ALA A 210 26.16 -17.66 -32.40
C ALA A 210 24.92 -18.21 -31.70
N ASP A 211 24.25 -19.18 -32.32
CA ASP A 211 23.07 -19.84 -31.75
C ASP A 211 21.96 -18.87 -31.39
N LEU A 212 21.77 -17.79 -32.14
CA LEU A 212 20.81 -16.76 -31.69
C LEU A 212 19.39 -17.25 -31.78
N THR A 213 18.55 -16.79 -30.86
CA THR A 213 17.13 -17.12 -30.91
C THR A 213 16.47 -16.14 -31.84
N ALA A 214 15.20 -16.39 -32.14
CA ALA A 214 14.46 -15.54 -33.06
C ALA A 214 14.36 -14.15 -32.50
N GLN A 215 14.20 -14.04 -31.18
CA GLN A 215 14.05 -12.73 -30.53
C GLN A 215 15.35 -11.93 -30.54
N GLU A 216 16.46 -12.62 -30.34
CA GLU A 216 17.77 -11.98 -30.41
C GLU A 216 18.01 -11.49 -31.82
N CYS A 217 17.65 -12.29 -32.81
CA CYS A 217 17.76 -11.85 -34.21
C CYS A 217 17.11 -10.50 -34.49
N GLU A 218 15.92 -10.27 -33.96
CA GLU A 218 15.24 -9.01 -34.11
C GLU A 218 15.99 -7.87 -33.41
N GLN A 219 16.68 -8.19 -32.31
CA GLN A 219 17.47 -7.20 -31.58
C GLN A 219 18.74 -6.77 -32.32
N LEU A 220 19.15 -7.52 -33.32
CA LEU A 220 20.40 -7.24 -34.02
C LEU A 220 20.38 -5.84 -34.61
N ASN A 221 21.53 -5.19 -34.55
CA ASN A 221 21.69 -3.89 -35.14
C ASN A 221 22.51 -3.97 -36.41
N ILE A 222 21.87 -3.76 -37.56
CA ILE A 222 22.58 -3.77 -38.82
C ILE A 222 22.35 -2.50 -39.62
N VAL A 223 23.42 -2.02 -40.23
CA VAL A 223 23.37 -0.80 -40.96
C VAL A 223 24.21 -0.95 -42.23
N CYS A 224 23.68 -0.47 -43.34
CA CYS A 224 24.36 -0.59 -44.61
C CYS A 224 24.97 0.77 -44.94
N VAL A 225 26.20 0.77 -45.43
CA VAL A 225 26.95 2.00 -45.53
C VAL A 225 27.99 1.89 -46.64
N ALA A 226 28.52 3.04 -47.05
CA ALA A 226 29.58 3.08 -48.05
C ALA A 226 30.64 4.07 -47.66
N SER A 227 31.38 3.75 -46.61
CA SER A 227 32.36 4.69 -46.02
C SER A 227 33.14 5.56 -47.01
N ASN A 228 33.56 4.94 -48.11
CA ASN A 228 34.41 5.56 -49.12
C ASN A 228 33.84 5.23 -50.48
N PRO A 229 32.80 5.97 -50.93
CA PRO A 229 32.08 5.59 -52.14
C PRO A 229 32.79 6.01 -53.42
N ASN A 230 32.60 5.22 -54.49
CA ASN A 230 33.33 5.36 -55.76
C ASN A 230 34.81 4.99 -55.60
N GLY A 231 35.39 5.25 -54.43
CA GLY A 231 36.78 4.94 -54.14
C GLY A 231 37.59 6.20 -53.98
N ARG A 232 36.99 7.33 -54.32
CA ARG A 232 37.66 8.64 -54.33
C ARG A 232 38.49 8.97 -53.07
N GLY A 233 37.91 8.77 -51.89
CA GLY A 233 38.63 8.99 -50.63
C GLY A 233 37.93 9.96 -49.68
N LEU A 234 38.35 9.94 -48.41
CA LEU A 234 37.69 10.74 -47.37
C LEU A 234 38.12 12.19 -47.48
N THR A 235 39.45 12.40 -47.49
CA THR A 235 40.01 13.74 -47.65
C THR A 235 39.24 14.54 -48.69
N TYR A 236 38.86 13.87 -49.77
CA TYR A 236 38.04 14.47 -50.80
C TYR A 236 36.57 14.61 -50.39
N TRP A 237 35.96 13.53 -49.88
CA TRP A 237 34.51 13.54 -49.58
C TRP A 237 34.11 14.50 -48.43
N PHE A 238 35.03 14.78 -47.51
CA PHE A 238 34.75 15.77 -46.48
C PHE A 238 34.64 17.17 -47.06
N THR A 239 35.29 17.41 -48.19
CA THR A 239 35.17 18.70 -48.86
C THR A 239 33.74 18.91 -49.33
N LYS A 240 32.99 17.82 -49.56
CA LYS A 240 31.59 17.91 -50.04
C LYS A 240 30.57 17.34 -49.04
N PRO A 241 30.60 17.83 -47.79
CA PRO A 241 30.05 17.13 -46.61
C PRO A 241 28.60 16.71 -46.73
N GLU A 242 27.79 17.48 -47.46
CA GLU A 242 26.35 17.22 -47.55
C GLU A 242 26.02 16.37 -48.77
N HIS A 243 26.95 16.28 -49.70
CA HIS A 243 26.78 15.36 -50.82
C HIS A 243 27.15 13.95 -50.37
N TYR A 244 28.24 13.87 -49.61
CA TYR A 244 28.75 12.62 -49.08
C TYR A 244 27.76 11.87 -48.18
N GLU A 245 27.10 12.60 -47.28
CA GLU A 245 26.15 12.01 -46.33
C GLU A 245 24.96 11.33 -46.98
N SER A 246 24.48 11.91 -48.08
CA SER A 246 23.34 11.36 -48.81
C SER A 246 23.75 10.09 -49.53
N ARG A 247 25.01 10.02 -49.93
CA ARG A 247 25.54 8.89 -50.68
C ARG A 247 26.00 7.77 -49.78
N SER A 248 26.88 8.10 -48.84
CA SER A 248 27.46 7.10 -47.95
C SER A 248 26.44 6.44 -47.01
N ARG A 249 25.34 7.13 -46.74
CA ARG A 249 24.38 6.72 -45.70
C ARG A 249 24.99 6.63 -44.30
N ILE A 250 26.08 7.35 -44.10
CA ILE A 250 26.76 7.40 -42.81
C ILE A 250 25.86 7.91 -41.70
N ASN A 251 24.88 8.73 -42.01
CA ASN A 251 23.95 9.19 -41.00
C ASN A 251 23.15 8.03 -40.36
N ASP A 252 22.81 7.02 -41.16
CA ASP A 252 22.17 5.82 -40.63
C ASP A 252 23.03 5.19 -39.51
N LEU A 253 24.35 5.25 -39.65
CA LEU A 253 25.27 4.70 -38.65
C LEU A 253 25.45 5.60 -37.44
N LYS A 254 25.62 6.90 -37.63
CA LYS A 254 25.71 7.82 -36.51
C LYS A 254 24.43 7.72 -35.66
N ASN A 255 23.28 7.60 -36.32
CA ASN A 255 21.99 7.59 -35.61
C ASN A 255 21.78 6.32 -34.77
N ALA A 256 22.14 5.18 -35.37
CA ALA A 256 22.06 3.90 -34.67
C ALA A 256 22.97 3.94 -33.46
N ALA A 257 24.15 4.50 -33.66
CA ALA A 257 25.16 4.54 -32.63
C ALA A 257 24.66 5.44 -31.53
N THR A 258 23.93 6.49 -31.90
CA THR A 258 23.44 7.42 -30.93
C THR A 258 22.36 6.83 -30.05
N GLU A 259 21.52 5.94 -30.58
CA GLU A 259 20.48 5.28 -29.81
C GLU A 259 21.01 4.22 -28.87
N ILE A 260 22.20 3.71 -29.13
CA ILE A 260 22.74 2.61 -28.36
C ILE A 260 23.37 3.26 -27.18
N LEU A 261 24.14 4.28 -27.45
CA LEU A 261 24.73 5.10 -26.43
C LEU A 261 23.69 5.51 -25.44
N LYS A 262 22.53 5.91 -25.96
CA LYS A 262 21.43 6.44 -25.17
C LYS A 262 21.03 5.44 -24.13
N THR A 263 21.03 4.18 -24.53
CA THR A 263 20.56 3.08 -23.70
C THR A 263 21.68 2.35 -22.97
N ASN A 264 22.78 2.12 -23.66
CA ASN A 264 23.79 1.20 -23.18
C ASN A 264 24.88 1.87 -22.31
N VAL A 265 25.03 3.19 -22.38
CA VAL A 265 26.07 3.85 -21.62
C VAL A 265 25.84 3.73 -20.11
N PRO A 266 24.61 4.00 -19.64
CA PRO A 266 24.41 3.79 -18.21
C PRO A 266 24.62 2.34 -17.76
N GLU A 267 24.13 1.36 -18.52
CA GLU A 267 24.34 -0.03 -18.12
C GLU A 267 25.86 -0.27 -18.04
N VAL A 268 26.62 0.17 -19.03
CA VAL A 268 28.04 -0.11 -18.99
C VAL A 268 28.66 0.52 -17.77
N LEU A 269 28.37 1.78 -17.50
CA LEU A 269 28.93 2.45 -16.33
C LEU A 269 28.50 1.77 -15.02
N LEU A 270 27.22 1.44 -14.86
CA LEU A 270 26.75 0.77 -13.63
C LEU A 270 27.44 -0.58 -13.41
N VAL A 271 27.35 -1.48 -14.38
CA VAL A 271 28.03 -2.72 -14.24
C VAL A 271 29.54 -2.51 -13.93
N LYS A 272 30.24 -1.76 -14.76
CA LYS A 272 31.67 -1.53 -14.53
C LYS A 272 32.02 -1.21 -13.05
N THR A 273 31.21 -0.40 -12.38
CA THR A 273 31.44 -0.02 -10.97
C THR A 273 30.72 -0.88 -9.94
N GLY A 274 29.95 -1.87 -10.38
CA GLY A 274 29.28 -2.80 -9.48
C GLY A 274 28.03 -2.24 -8.82
N ASP A 276 25.08 -1.65 -10.49
CA ASP A 276 23.89 -2.34 -11.00
C ASP A 276 23.23 -3.10 -9.86
N VAL A 277 24.03 -3.87 -9.14
CA VAL A 277 23.56 -4.77 -8.12
C VAL A 277 23.04 -3.97 -6.91
N VAL A 278 23.81 -2.98 -6.48
CA VAL A 278 23.43 -2.12 -5.35
C VAL A 278 22.07 -1.47 -5.61
N LYS A 279 21.90 -0.96 -6.83
CA LYS A 279 20.74 -0.22 -7.21
C LYS A 279 19.53 -1.13 -7.34
N ASP A 280 19.71 -2.35 -7.84
CA ASP A 280 18.58 -3.27 -8.00
C ASP A 280 18.07 -3.62 -6.63
N ILE A 281 18.96 -3.82 -5.67
CA ILE A 281 18.55 -4.16 -4.31
C ILE A 281 17.83 -3.00 -3.64
N VAL A 282 18.35 -1.79 -3.78
CA VAL A 282 17.73 -0.65 -3.13
C VAL A 282 16.37 -0.35 -3.69
N ILE A 283 16.23 -0.35 -5.01
CA ILE A 283 14.93 -0.12 -5.61
C ILE A 283 13.97 -1.23 -5.25
N GLN A 284 14.48 -2.44 -5.11
CA GLN A 284 13.62 -3.53 -4.61
C GLN A 284 13.08 -3.30 -3.20
N ARG A 285 13.88 -2.75 -2.31
CA ARG A 285 13.49 -2.63 -0.92
C ARG A 285 12.53 -1.48 -0.80
N VAL A 286 12.60 -0.54 -1.72
CA VAL A 286 11.80 0.67 -1.63
C VAL A 286 10.42 0.38 -2.18
N THR A 287 10.42 -0.35 -3.29
CA THR A 287 9.22 -0.77 -3.96
C THR A 287 8.42 -1.61 -3.01
N LEU A 288 9.11 -2.54 -2.36
CA LEU A 288 8.55 -3.37 -1.31
C LEU A 288 8.12 -2.53 -0.10
N ALA A 289 8.94 -1.57 0.29
CA ALA A 289 8.64 -0.79 1.44
C ALA A 289 7.35 0.02 1.28
N SER A 290 7.08 0.59 0.11
CA SER A 290 5.84 1.38 -0.04
C SER A 290 4.59 0.51 -0.24
N ARG A 291 4.77 -0.68 -0.78
CA ARG A 291 3.70 -1.62 -0.99
C ARG A 291 3.17 -2.14 0.33
N HIS A 292 4.01 -2.16 1.36
CA HIS A 292 3.61 -2.59 2.70
C HIS A 292 3.33 -1.44 3.65
N LEU A 293 3.81 -0.24 3.33
CA LEU A 293 3.30 0.97 3.99
C LEU A 293 1.84 1.20 3.55
N ASP A 294 1.47 0.77 2.35
CA ASP A 294 0.11 1.01 1.92
C ASP A 294 -0.82 0.14 2.73
N GLU A 295 -0.36 -1.09 2.99
CA GLU A 295 -1.07 -1.99 3.86
C GLU A 295 -1.18 -1.33 5.21
N LEU A 296 -0.05 -0.92 5.79
CA LEU A 296 -0.09 -0.34 7.14
C LEU A 296 -1.00 0.87 7.23
N ASN A 297 -0.99 1.73 6.22
CA ASN A 297 -1.84 2.91 6.23
C ASN A 297 -3.32 2.51 6.27
N THR A 298 -3.67 1.52 5.47
CA THR A 298 -5.03 1.02 5.42
C THR A 298 -5.46 0.58 6.80
N PHE A 299 -4.57 -0.04 7.54
CA PHE A 299 -4.93 -0.57 8.83
C PHE A 299 -5.07 0.55 9.81
N VAL A 300 -4.13 1.47 9.80
CA VAL A 300 -4.11 2.54 10.79
C VAL A 300 -5.21 3.52 10.52
N GLU A 301 -5.54 3.75 9.26
CA GLU A 301 -6.64 4.64 8.93
C GLU A 301 -7.94 4.01 9.44
N LYS A 302 -8.27 2.83 8.94
CA LYS A 302 -9.45 2.10 9.41
C LYS A 302 -9.57 2.05 10.92
N ASN A 303 -8.48 1.78 11.62
CA ASN A 303 -8.53 1.66 13.08
C ASN A 303 -8.80 2.98 13.73
N ASP A 304 -8.28 4.05 13.15
CA ASP A 304 -8.47 5.38 13.68
C ASP A 304 -9.91 5.81 13.45
N GLU A 305 -10.49 5.39 12.33
CA GLU A 305 -11.83 5.78 11.95
C GLU A 305 -12.87 5.01 12.76
N ASP A 306 -12.62 3.72 12.98
CA ASP A 306 -13.40 2.91 13.91
C ASP A 306 -13.49 3.57 15.28
N HIS A 308 -13.48 6.60 16.25
CA HIS A 308 -14.44 7.68 16.21
C HIS A 308 -15.83 7.13 15.98
N ARG A 309 -15.94 6.19 15.05
CA ARG A 309 -17.17 5.42 14.88
C ARG A 309 -17.68 4.80 16.17
N PHE A 310 -16.81 4.32 17.04
CA PHE A 310 -17.28 3.70 18.28
C PHE A 310 -17.82 4.74 19.25
N SER A 311 -17.27 5.94 19.23
CA SER A 311 -17.71 6.97 20.17
C SER A 311 -19.01 7.58 19.68
N ASN A 312 -19.20 7.62 18.37
CA ASN A 312 -20.52 7.97 17.82
C ASN A 312 -21.62 7.01 18.18
N ASP A 313 -21.35 5.72 18.01
CA ASP A 313 -22.27 4.64 18.41
C ASP A 313 -22.71 4.75 19.82
N ILE A 314 -21.76 5.04 20.69
CA ILE A 314 -22.03 5.22 22.08
C ILE A 314 -22.92 6.42 22.32
N LYS A 315 -22.69 7.50 21.59
CA LYS A 315 -23.48 8.70 21.69
C LYS A 315 -24.90 8.42 21.31
N GLN A 316 -25.07 7.74 20.17
CA GLN A 316 -26.39 7.49 19.63
C GLN A 316 -27.13 6.52 20.54
N SER A 317 -26.44 5.47 20.92
CA SER A 317 -26.89 4.60 21.97
C SER A 317 -27.42 5.38 23.17
N ARG A 318 -26.57 6.22 23.74
CA ARG A 318 -27.01 6.93 24.91
C ARG A 318 -28.24 7.76 24.62
N ILE A 319 -28.25 8.44 23.48
CA ILE A 319 -29.39 9.27 23.08
C ILE A 319 -30.66 8.44 22.98
N GLU A 320 -30.54 7.21 22.51
CA GLU A 320 -31.68 6.36 22.36
C GLU A 320 -32.23 5.89 23.70
N VAL A 321 -31.38 5.42 24.58
CA VAL A 321 -31.79 5.01 25.89
C VAL A 321 -32.46 6.16 26.63
N LYS A 322 -31.90 7.36 26.54
CA LYS A 322 -32.54 8.48 27.16
C LYS A 322 -33.96 8.64 26.65
N ARG A 323 -34.16 8.44 25.36
CA ARG A 323 -35.47 8.60 24.76
C ARG A 323 -36.46 7.55 25.27
N LEU A 324 -35.96 6.34 25.45
CA LEU A 324 -36.78 5.27 26.03
C LEU A 324 -37.10 5.51 27.51
N ALA A 325 -36.13 6.01 28.26
CA ALA A 325 -36.34 6.28 29.67
C ALA A 325 -37.47 7.28 29.85
N GLY A 326 -37.54 8.25 28.95
CA GLY A 326 -38.55 9.29 28.99
C GLY A 326 -39.91 8.78 28.60
N GLU A 327 -40.00 8.04 27.49
CA GLU A 327 -41.21 7.32 27.15
C GLU A 327 -41.68 6.46 28.33
N LEU A 328 -40.74 5.81 29.01
CA LEU A 328 -41.08 4.96 30.14
C LEU A 328 -41.69 5.79 31.23
N PHE A 329 -41.04 6.90 31.52
CA PHE A 329 -41.55 7.85 32.49
C PHE A 329 -42.94 8.38 32.09
N GLU A 330 -43.13 8.71 30.82
CA GLU A 330 -44.39 9.22 30.40
C GLU A 330 -45.46 8.17 30.70
N GLU A 331 -45.13 6.91 30.42
CA GLU A 331 -46.13 5.83 30.55
C GLU A 331 -46.47 5.59 32.01
N LEU A 332 -45.47 5.59 32.87
CA LEU A 332 -45.69 5.40 34.30
C LEU A 332 -46.43 6.56 34.95
N ASN A 333 -46.25 7.75 34.43
CA ASN A 333 -46.89 8.93 34.97
C ASN A 333 -48.39 8.95 34.64
N LEU A 334 -48.76 8.54 33.43
CA LEU A 334 -50.18 8.34 33.13
C LEU A 334 -50.82 7.28 34.02
N GLU A 336 -50.17 6.37 36.92
CA GLU A 336 -50.38 6.90 38.27
C GLU A 336 -51.43 7.99 38.29
N LYS A 337 -51.46 8.86 37.29
CA LYS A 337 -52.49 9.90 37.23
C LYS A 337 -53.86 9.24 37.10
N GLN A 338 -53.91 8.17 36.28
CA GLN A 338 -55.13 7.47 35.97
C GLN A 338 -55.71 6.84 37.23
N LEU A 339 -54.93 6.01 37.89
CA LEU A 339 -55.30 5.42 39.18
C LEU A 339 -55.72 6.47 40.22
N SER A 341 -57.06 9.48 39.66
CA SER A 341 -58.34 10.10 39.32
C SER A 341 -59.52 9.12 39.45
N GLN A 342 -59.21 7.83 39.47
CA GLN A 342 -60.21 6.84 39.74
C GLN A 342 -60.51 6.80 41.21
N LEU A 343 -59.51 7.10 42.01
CA LEU A 343 -59.64 6.99 43.46
C LEU A 343 -60.47 8.12 44.01
N ARG A 344 -60.17 9.34 43.61
CA ARG A 344 -60.69 10.49 44.35
C ARG A 344 -62.23 10.61 44.37
N PRO A 345 -62.94 10.06 43.35
CA PRO A 345 -64.39 10.17 43.40
C PRO A 345 -65.13 9.02 44.11
N LEU A 346 -64.42 8.05 44.63
CA LEU A 346 -65.06 6.82 45.06
C LEU A 346 -65.77 6.92 46.41
N ASP A 347 -66.99 6.38 46.51
CA ASP A 347 -67.71 6.28 47.79
C ASP A 347 -67.38 4.93 48.40
N LEU A 348 -67.57 4.76 49.71
CA LEU A 348 -67.07 3.56 50.40
C LEU A 348 -67.46 2.21 49.82
N ASP A 349 -68.56 2.13 49.08
CA ASP A 349 -68.96 0.88 48.46
C ASP A 349 -68.00 0.55 47.32
N ASP A 350 -67.48 1.60 46.68
CA ASP A 350 -66.66 1.49 45.50
C ASP A 350 -65.27 0.95 45.74
N ILE A 351 -64.89 0.85 47.00
CA ILE A 351 -63.50 0.66 47.41
C ILE A 351 -62.98 -0.71 47.09
N ARG A 352 -63.74 -1.73 47.47
CA ARG A 352 -63.32 -3.08 47.28
C ARG A 352 -63.23 -3.36 45.80
N PRO A 353 -64.27 -3.03 45.04
CA PRO A 353 -64.06 -3.25 43.60
C PRO A 353 -62.76 -2.63 43.11
N PHE A 354 -62.41 -1.46 43.64
CA PHE A 354 -61.23 -0.76 43.21
C PHE A 354 -59.96 -1.50 43.54
N ASP A 356 -59.63 -4.65 44.16
CA ASP A 356 -59.58 -5.94 43.45
C ASP A 356 -59.10 -5.80 42.01
N ASP A 357 -59.57 -4.74 41.38
CA ASP A 357 -59.53 -4.65 39.94
C ASP A 357 -58.38 -3.81 39.48
N GLU A 358 -57.87 -2.94 40.35
CA GLU A 358 -56.79 -2.06 39.99
C GLU A 358 -55.48 -2.26 40.72
N LEU A 359 -55.52 -2.73 41.97
CA LEU A 359 -54.38 -2.87 42.85
C LEU A 359 -54.01 -4.30 43.19
N GLY A 360 -55.03 -5.10 43.50
CA GLY A 360 -54.83 -6.51 43.85
C GLY A 360 -55.05 -6.64 45.33
N TYR A 361 -55.80 -7.64 45.78
CA TYR A 361 -56.10 -7.76 47.21
C TYR A 361 -56.11 -9.21 47.65
N THR A 362 -55.17 -9.55 48.53
CA THR A 362 -54.81 -10.94 48.85
C THR A 362 -54.60 -11.08 50.38
N GLU A 363 -54.49 -12.29 50.92
CA GLU A 363 -54.13 -12.42 52.34
C GLU A 363 -52.84 -11.66 52.62
N ASP A 364 -51.81 -11.91 51.80
CA ASP A 364 -50.55 -11.13 51.74
C ASP A 364 -50.78 -9.63 51.94
N GLY A 365 -51.81 -9.10 51.28
CA GLY A 365 -52.17 -7.69 51.30
C GLY A 365 -52.46 -7.11 49.93
N VAL A 366 -52.26 -5.80 49.81
CA VAL A 366 -52.62 -5.06 48.61
C VAL A 366 -51.39 -4.72 47.82
N GLY A 367 -51.52 -4.70 46.50
CA GLY A 367 -50.50 -4.18 45.59
C GLY A 367 -50.02 -5.10 44.47
N PHE A 368 -50.36 -6.37 44.51
CA PHE A 368 -49.77 -7.32 43.57
C PHE A 368 -50.13 -7.01 42.13
N LYS A 369 -51.35 -6.55 41.87
CA LYS A 369 -51.80 -6.35 40.50
C LYS A 369 -51.15 -5.13 39.88
N LEU A 370 -50.92 -4.12 40.71
CA LEU A 370 -50.26 -2.92 40.31
C LEU A 370 -48.81 -3.23 40.06
N HIS A 371 -48.21 -3.95 40.98
CA HIS A 371 -46.83 -4.31 40.89
C HIS A 371 -46.51 -4.99 39.54
N LEU A 372 -47.28 -6.00 39.21
CA LEU A 372 -47.08 -6.69 37.96
C LEU A 372 -47.21 -5.78 36.79
N ARG A 373 -48.06 -4.75 36.87
CA ARG A 373 -48.19 -3.91 35.69
C ARG A 373 -47.09 -2.86 35.59
N ILE A 374 -46.68 -2.30 36.70
CA ILE A 374 -45.46 -1.52 36.71
C ILE A 374 -44.28 -2.38 36.23
N LYS A 375 -44.17 -3.60 36.75
CA LYS A 375 -43.01 -4.43 36.45
C LYS A 375 -42.87 -4.71 34.96
N GLN A 376 -43.99 -4.90 34.30
CA GLN A 376 -44.03 -5.27 32.92
C GLN A 376 -43.63 -4.07 32.04
N SER A 377 -43.89 -2.86 32.53
CA SER A 377 -43.46 -1.62 31.89
C SER A 377 -41.96 -1.35 32.06
N VAL A 378 -41.44 -1.69 33.23
CA VAL A 378 -40.03 -1.55 33.54
C VAL A 378 -39.21 -2.59 32.82
N ASP A 379 -39.61 -3.83 32.96
CA ASP A 379 -39.08 -4.90 32.16
C ASP A 379 -39.03 -4.48 30.68
N ARG A 380 -40.12 -4.00 30.10
CA ARG A 380 -40.10 -3.71 28.66
C ARG A 380 -39.01 -2.71 28.27
N PHE A 381 -38.76 -1.72 29.14
CA PHE A 381 -37.72 -0.73 28.90
C PHE A 381 -36.34 -1.36 29.07
N PHE A 382 -36.16 -2.05 30.18
CA PHE A 382 -34.94 -2.78 30.43
C PHE A 382 -34.57 -3.70 29.23
N GLU A 383 -35.54 -4.22 28.52
CA GLU A 383 -35.26 -5.08 27.39
C GLU A 383 -34.93 -4.26 26.14
N GLN A 384 -35.79 -3.31 25.79
CA GLN A 384 -35.50 -2.41 24.69
C GLN A 384 -34.10 -1.80 24.89
N SER A 385 -33.83 -1.31 26.10
CA SER A 385 -32.54 -0.69 26.39
C SER A 385 -31.38 -1.69 26.44
N THR A 386 -31.60 -2.89 26.93
CA THR A 386 -30.58 -3.95 26.80
C THR A 386 -30.33 -4.29 25.30
N ALA A 387 -31.35 -4.19 24.46
CA ALA A 387 -31.16 -4.47 23.05
C ALA A 387 -30.35 -3.39 22.36
N VAL A 388 -30.43 -2.16 22.85
CA VAL A 388 -29.63 -1.05 22.31
C VAL A 388 -28.16 -1.32 22.55
N SER A 389 -27.84 -1.72 23.77
CA SER A 389 -26.49 -2.01 24.13
C SER A 389 -25.98 -3.25 23.39
N GLN A 390 -26.90 -4.11 22.98
CA GLN A 390 -26.51 -5.24 22.21
C GLN A 390 -26.18 -4.89 20.77
N ARG A 391 -26.90 -3.95 20.18
CA ARG A 391 -26.57 -3.49 18.84
C ARG A 391 -25.27 -2.72 18.80
N LEU A 392 -24.93 -2.07 19.91
CA LEU A 392 -23.69 -1.35 19.99
C LEU A 392 -22.52 -2.34 20.08
N SER A 393 -22.64 -3.34 20.92
CA SER A 393 -21.63 -4.37 21.05
C SER A 393 -21.42 -5.04 19.71
N ASP A 394 -22.49 -5.28 18.96
CA ASP A 394 -22.37 -5.94 17.68
C ASP A 394 -21.64 -5.11 16.61
N ASP A 395 -21.67 -3.79 16.70
CA ASP A 395 -20.97 -3.00 15.72
C ASP A 395 -19.51 -2.89 16.07
N ILE A 396 -19.23 -2.60 17.32
CA ILE A 396 -17.87 -2.60 17.77
C ILE A 396 -17.26 -3.94 17.41
N THR A 397 -17.96 -5.01 17.73
CA THR A 397 -17.47 -6.36 17.55
C THR A 397 -17.34 -6.67 16.07
N ARG A 398 -18.21 -6.15 15.24
CA ARG A 398 -18.06 -6.42 13.82
C ARG A 398 -16.79 -5.76 13.23
N GLN A 399 -16.53 -4.52 13.61
CA GLN A 399 -15.42 -3.74 13.07
C GLN A 399 -14.05 -4.23 13.56
N LEU A 400 -13.97 -4.56 14.84
CA LEU A 400 -12.77 -5.18 15.41
C LEU A 400 -12.41 -6.44 14.65
N SER A 401 -13.44 -7.19 14.28
CA SER A 401 -13.21 -8.43 13.60
C SER A 401 -12.75 -8.21 12.18
N SER A 402 -13.10 -7.09 11.57
CA SER A 402 -12.67 -6.85 10.20
C SER A 402 -11.24 -6.28 10.16
N SER A 403 -10.79 -5.69 11.25
CA SER A 403 -9.41 -5.33 11.38
C SER A 403 -8.58 -6.60 11.58
N GLU A 404 -9.00 -7.47 12.48
CA GLU A 404 -8.32 -8.75 12.69
C GLU A 404 -8.10 -9.44 11.36
N SER A 405 -9.18 -9.44 10.57
CA SER A 405 -9.25 -10.16 9.31
C SER A 405 -8.41 -9.49 8.22
N PHE A 406 -8.24 -8.18 8.30
CA PHE A 406 -7.36 -7.47 7.39
C PHE A 406 -5.93 -7.86 7.71
N LEU A 407 -5.54 -7.65 8.97
CA LEU A 407 -4.22 -8.03 9.47
C LEU A 407 -3.88 -9.51 9.32
N SER A 408 -4.86 -10.40 9.24
CA SER A 408 -4.54 -11.82 9.14
C SER A 408 -4.09 -12.16 7.73
N GLY A 409 -4.60 -11.41 6.75
CA GLY A 409 -4.27 -11.59 5.34
C GLY A 409 -3.01 -10.89 4.87
N LEU A 410 -2.29 -10.24 5.78
CA LEU A 410 -1.08 -9.54 5.39
C LEU A 410 0.11 -10.48 5.38
N GLY A 411 0.11 -11.46 6.29
CA GLY A 411 1.25 -12.37 6.47
C GLY A 411 1.99 -11.91 7.70
N GLU A 412 2.72 -12.78 8.38
CA GLU A 412 3.29 -12.35 9.66
C GLU A 412 4.53 -11.50 9.47
N GLY A 413 5.08 -11.49 8.25
CA GLY A 413 6.26 -10.71 7.95
C GLY A 413 6.01 -9.50 7.06
N ALA A 414 4.77 -9.05 7.01
CA ALA A 414 4.41 -8.01 6.06
C ALA A 414 5.10 -6.68 6.34
N PHE A 415 5.42 -6.41 7.60
CA PHE A 415 6.07 -5.15 7.96
C PHE A 415 7.58 -5.23 8.21
N ARG A 416 8.22 -6.33 7.88
CA ARG A 416 9.66 -6.37 8.11
C ARG A 416 10.42 -5.45 7.16
N SER A 417 9.86 -5.18 5.99
CA SER A 417 10.50 -4.26 5.03
C SER A 417 10.47 -2.85 5.49
N LEU A 418 9.65 -2.55 6.50
CA LEU A 418 9.54 -1.21 7.03
C LEU A 418 10.61 -0.89 8.04
N GLY A 419 11.54 -1.80 8.27
CA GLY A 419 12.70 -1.50 9.11
C GLY A 419 12.66 -1.73 10.61
N GLY A 420 13.23 -0.79 11.36
CA GLY A 420 13.70 -1.06 12.73
C GLY A 420 12.66 -1.43 13.76
N ALA A 421 11.53 -0.74 13.71
CA ALA A 421 10.46 -0.99 14.67
C ALA A 421 9.74 -2.32 14.49
N PHE A 422 9.97 -3.04 13.39
CA PHE A 422 9.26 -4.28 13.07
C PHE A 422 10.15 -5.50 13.02
N LYS A 423 11.11 -5.54 13.93
CA LYS A 423 12.19 -6.49 13.91
C LYS A 423 12.78 -6.46 15.31
N GLY A 424 13.19 -7.60 15.84
CA GLY A 424 13.76 -7.63 17.19
C GLY A 424 12.78 -7.83 18.34
N VAL A 425 13.27 -7.65 19.57
CA VAL A 425 12.51 -8.09 20.73
C VAL A 425 11.34 -7.20 21.07
N SER A 426 11.25 -6.02 20.46
CA SER A 426 10.14 -5.09 20.69
C SER A 426 9.40 -4.88 19.42
N LYS A 427 9.48 -5.86 18.53
CA LYS A 427 8.97 -5.68 17.21
C LYS A 427 7.47 -5.61 17.25
N ILE A 428 6.94 -4.81 16.34
CA ILE A 428 5.53 -4.71 16.07
C ILE A 428 5.29 -5.57 14.83
N SER A 429 4.14 -6.24 14.79
CA SER A 429 3.80 -7.12 13.67
C SER A 429 2.28 -7.21 13.51
N PRO A 430 1.82 -7.75 12.39
CA PRO A 430 0.39 -7.94 12.32
C PRO A 430 -0.14 -8.68 13.53
N ALA A 431 0.61 -9.64 14.04
CA ALA A 431 0.13 -10.43 15.16
C ALA A 431 0.17 -9.66 16.46
N THR A 432 1.07 -8.67 16.61
CA THR A 432 1.08 -7.92 17.87
C THR A 432 -0.12 -7.03 17.92
N LEU A 433 -0.53 -6.52 16.75
CA LEU A 433 -1.60 -5.56 16.67
C LEU A 433 -2.87 -6.34 16.69
N LYS A 434 -2.89 -7.50 16.05
CA LYS A 434 -4.08 -8.32 16.09
C LYS A 434 -4.43 -8.63 17.54
N THR A 435 -3.46 -8.97 18.36
CA THR A 435 -3.69 -9.39 19.75
C THR A 435 -4.44 -8.36 20.59
N THR A 436 -4.07 -7.12 20.37
CA THR A 436 -4.56 -6.02 21.15
C THR A 436 -6.03 -5.81 20.81
N ILE A 437 -6.31 -5.86 19.52
CA ILE A 437 -7.67 -5.91 19.01
C ILE A 437 -8.49 -7.07 19.63
N LEU A 438 -8.02 -8.31 19.52
CA LEU A 438 -8.78 -9.47 20.00
C LEU A 438 -9.01 -9.54 21.50
N ALA A 439 -8.12 -8.97 22.29
CA ALA A 439 -8.37 -8.87 23.71
C ALA A 439 -9.40 -7.77 23.97
N ALA A 440 -9.51 -6.80 23.09
CA ALA A 440 -10.54 -5.79 23.25
C ALA A 440 -11.90 -6.35 22.83
N ARG A 441 -11.91 -7.15 21.78
CA ARG A 441 -13.11 -7.83 21.37
C ARG A 441 -13.54 -8.88 22.38
N ASP A 442 -12.60 -9.47 23.08
CA ASP A 442 -12.93 -10.45 24.11
C ASP A 442 -13.55 -9.80 25.32
N THR A 443 -12.93 -8.72 25.81
CA THR A 443 -13.48 -7.99 26.92
C THR A 443 -14.89 -7.52 26.62
N ILE A 444 -15.19 -7.25 25.36
CA ILE A 444 -16.53 -6.80 24.96
C ILE A 444 -17.56 -7.92 24.85
N GLY A 445 -17.10 -9.10 24.45
CA GLY A 445 -17.95 -10.27 24.39
C GLY A 445 -18.32 -10.84 25.75
N LYS A 446 -17.64 -10.40 26.81
CA LYS A 446 -17.97 -10.79 28.18
C LYS A 446 -18.80 -9.74 28.88
N LEU A 447 -18.62 -8.47 28.54
CA LEU A 447 -19.49 -7.42 29.07
C LEU A 447 -20.92 -7.67 28.62
N THR A 448 -21.09 -7.86 27.31
CA THR A 448 -22.39 -7.95 26.63
C THR A 448 -23.26 -9.03 27.23
N GLY A 449 -24.45 -8.66 27.72
CA GLY A 449 -25.30 -9.65 28.36
C GLY A 449 -26.67 -9.21 28.81
N TYR A 450 -27.70 -9.92 28.36
CA TYR A 450 -28.99 -9.96 29.07
C TYR A 450 -28.70 -10.56 30.43
N VAL A 451 -29.32 -10.00 31.46
CA VAL A 451 -29.06 -10.37 32.82
C VAL A 451 -30.40 -10.67 33.49
N TYR A 452 -30.38 -11.58 34.45
CA TYR A 452 -31.52 -11.79 35.32
C TYR A 452 -31.09 -11.63 36.77
N LYS A 453 -31.69 -10.64 37.43
CA LYS A 453 -31.45 -10.35 38.85
C LYS A 453 -32.80 -10.29 39.58
N PHE A 454 -33.06 -11.28 40.43
CA PHE A 454 -34.35 -11.41 41.14
C PHE A 454 -34.51 -10.32 42.19
N LYS A 455 -35.63 -9.60 42.15
CA LYS A 455 -35.94 -8.55 43.13
C LYS A 455 -37.24 -8.88 43.88
N PRO A 456 -37.14 -9.36 45.13
CA PRO A 456 -38.36 -9.85 45.78
C PRO A 456 -39.30 -8.71 46.16
N TRP A 457 -40.58 -9.05 46.21
CA TRP A 457 -41.61 -8.09 46.48
C TRP A 457 -42.53 -8.60 47.60
N GLU A 458 -42.74 -7.74 48.59
CA GLU A 458 -43.69 -8.02 49.64
C GLU A 458 -44.88 -7.10 49.37
N ALA A 459 -46.10 -7.61 49.53
CA ALA A 459 -47.30 -6.77 49.54
C ALA A 459 -47.45 -5.95 50.82
N THR A 460 -48.31 -4.94 50.76
CA THR A 460 -48.59 -4.07 51.89
C THR A 460 -49.86 -4.50 52.62
N LYS A 461 -49.71 -4.85 53.90
CA LYS A 461 -50.86 -5.24 54.73
C LYS A 461 -51.71 -4.02 54.98
N LEU A 462 -53.02 -4.21 54.99
CA LEU A 462 -53.93 -3.11 55.25
C LEU A 462 -54.11 -2.95 56.74
N ALA A 463 -54.30 -1.71 57.19
CA ALA A 463 -54.57 -1.45 58.59
C ALA A 463 -55.87 -2.15 58.98
N GLY A 464 -55.93 -2.68 60.20
CA GLY A 464 -57.17 -3.28 60.72
C GLY A 464 -58.38 -2.36 60.53
N SER A 465 -58.18 -1.08 60.85
CA SER A 465 -59.19 -0.03 60.68
C SER A 465 -59.72 0.08 59.26
N ILE A 466 -58.85 -0.17 58.28
CA ILE A 466 -59.21 -0.05 56.86
C ILE A 466 -59.58 -1.40 56.24
N ALA A 467 -59.21 -2.50 56.91
CA ALA A 467 -59.58 -3.84 56.47
C ALA A 467 -61.08 -4.12 56.55
N LYS A 468 -61.80 -3.39 57.40
CA LYS A 468 -63.23 -3.63 57.64
C LYS A 468 -64.14 -3.05 56.56
N TRP A 469 -63.59 -2.14 55.74
CA TRP A 469 -64.31 -1.55 54.60
C TRP A 469 -64.08 -2.27 53.29
N ALA A 470 -63.10 -3.18 53.29
CA ALA A 470 -62.68 -3.93 52.13
C ALA A 470 -63.37 -5.29 52.04
N GLY A 471 -63.52 -5.94 53.18
CA GLY A 471 -64.16 -7.25 53.21
C GLY A 471 -63.16 -8.38 53.20
N PRO A 472 -63.64 -9.59 53.52
CA PRO A 472 -62.74 -10.74 53.55
C PRO A 472 -62.25 -11.06 52.14
N VAL A 473 -60.95 -11.31 52.02
CA VAL A 473 -60.28 -11.50 50.73
C VAL A 473 -60.95 -12.58 49.91
N GLY A 474 -61.07 -12.34 48.60
CA GLY A 474 -61.50 -13.37 47.65
C GLY A 474 -62.95 -13.82 47.75
N ALA A 475 -63.75 -13.09 48.54
CA ALA A 475 -65.20 -13.35 48.68
C ALA A 475 -66.06 -12.26 48.08
N ALA A 476 -67.27 -12.63 47.71
CA ALA A 476 -68.31 -11.67 47.31
C ALA A 476 -68.62 -10.82 48.52
N PHE A 477 -68.50 -9.51 48.35
CA PHE A 477 -68.67 -8.61 49.47
C PHE A 477 -69.43 -7.33 49.13
N THR A 478 -70.57 -7.15 49.81
CA THR A 478 -71.20 -5.82 49.98
C THR A 478 -71.21 -5.49 51.49
N ILE A 479 -71.26 -4.20 51.80
CA ILE A 479 -71.12 -3.74 53.18
C ILE A 479 -72.43 -3.91 53.96
N GLY A 480 -72.34 -4.51 55.15
CA GLY A 480 -73.51 -4.80 55.96
C GLY A 480 -74.19 -3.58 56.58
N SER A 481 -75.43 -3.77 57.04
CA SER A 481 -76.16 -2.75 57.79
C SER A 481 -75.47 -2.43 59.11
N ASP A 482 -75.06 -3.47 59.83
CA ASP A 482 -74.35 -3.31 61.11
C ASP A 482 -73.11 -2.43 61.03
N LEU A 483 -72.46 -2.42 59.87
CA LEU A 483 -71.23 -1.65 59.70
C LEU A 483 -71.53 -0.21 59.29
N TRP A 484 -72.55 -0.03 58.46
CA TRP A 484 -72.90 1.28 57.90
C TRP A 484 -73.49 2.21 58.95
N ASP A 485 -74.33 1.64 59.82
CA ASP A 485 -74.96 2.37 60.91
C ASP A 485 -74.20 2.15 62.23
N ALA A 486 -72.87 2.20 62.17
CA ALA A 486 -72.02 2.36 63.35
C ALA A 486 -71.50 3.82 63.44
N TYR A 487 -71.66 4.57 62.36
CA TYR A 487 -71.21 5.95 62.27
C TYR A 487 -72.33 6.83 61.75
N LYS A 488 -72.29 8.11 62.11
CA LYS A 488 -73.10 9.11 61.42
C LYS A 488 -72.29 9.66 60.24
N ALA A 489 -72.94 10.41 59.36
CA ALA A 489 -72.31 10.89 58.11
C ALA A 489 -70.92 11.47 58.33
N HIS A 490 -70.82 12.52 59.16
CA HIS A 490 -69.53 13.15 59.43
C HIS A 490 -68.47 12.22 60.07
N GLU A 491 -68.92 11.17 60.77
CA GLU A 491 -68.01 10.13 61.27
C GLU A 491 -67.62 9.11 60.18
N ARG A 492 -68.34 9.14 59.05
CA ARG A 492 -68.18 8.16 57.96
C ARG A 492 -67.42 8.75 56.75
N GLU A 493 -67.79 9.97 56.36
CA GLU A 493 -67.07 10.67 55.30
C GLU A 493 -65.64 10.99 55.73
N GLN A 494 -65.39 10.97 57.04
CA GLN A 494 -64.02 11.10 57.56
C GLN A 494 -63.32 9.77 57.52
N GLU A 495 -64.06 8.72 57.78
CA GLU A 495 -63.53 7.36 57.69
C GLU A 495 -63.10 7.06 56.24
N LEU A 496 -63.90 7.51 55.28
CA LEU A 496 -63.53 7.47 53.87
C LEU A 496 -62.22 8.20 53.57
N LYS A 497 -62.04 9.40 54.13
CA LYS A 497 -60.86 10.21 53.83
C LYS A 497 -59.56 9.50 54.22
N GLU A 498 -59.55 8.86 55.39
CA GLU A 498 -58.34 8.23 55.86
C GLU A 498 -58.08 6.88 55.17
N VAL A 499 -59.07 6.36 54.48
CA VAL A 499 -58.89 5.12 53.72
C VAL A 499 -58.30 5.46 52.36
N LYS A 500 -58.75 6.56 51.78
CA LYS A 500 -58.18 7.05 50.54
C LYS A 500 -56.75 7.54 50.76
N ALA A 501 -56.52 8.22 51.85
CA ALA A 501 -55.16 8.58 52.20
C ALA A 501 -54.32 7.31 52.17
N SER A 502 -54.90 6.21 52.65
CA SER A 502 -54.20 4.92 52.74
C SER A 502 -53.88 4.31 51.39
N LEU A 503 -54.79 4.45 50.44
CA LEU A 503 -54.57 3.82 49.17
C LEU A 503 -53.62 4.62 48.31
N ALA A 504 -53.74 5.93 48.36
CA ALA A 504 -52.78 6.81 47.70
C ALA A 504 -51.33 6.48 48.09
N LYS A 505 -51.08 6.30 49.37
CA LYS A 505 -49.71 6.07 49.82
C LYS A 505 -49.26 4.78 49.17
N ILE A 506 -50.16 3.81 49.15
CA ILE A 506 -49.88 2.53 48.48
C ILE A 506 -49.66 2.68 46.96
N ILE A 507 -50.47 3.49 46.32
CA ILE A 507 -50.40 3.69 44.88
C ILE A 507 -49.12 4.41 44.49
N LYS A 508 -48.79 5.45 45.22
CA LYS A 508 -47.65 6.28 44.90
C LYS A 508 -46.34 5.57 45.14
N GLU A 509 -46.23 4.85 46.24
CA GLU A 509 -44.93 4.33 46.67
C GLU A 509 -44.13 3.72 45.51
N PRO A 510 -44.68 2.71 44.82
CA PRO A 510 -43.87 2.04 43.83
C PRO A 510 -43.35 2.90 42.68
N PHE A 511 -44.07 3.97 42.35
CA PHE A 511 -43.62 4.88 41.33
C PHE A 511 -42.50 5.77 41.87
N GLU A 512 -42.69 6.34 43.05
CA GLU A 512 -41.71 7.26 43.61
C GLU A 512 -40.31 6.70 43.44
N ASP A 513 -40.15 5.44 43.77
CA ASP A 513 -38.85 4.81 43.79
C ASP A 513 -38.22 4.89 42.41
N ILE A 514 -38.94 4.36 41.44
CA ILE A 514 -38.45 4.29 40.08
C ILE A 514 -38.34 5.63 39.39
N TYR A 515 -39.10 6.63 39.79
CA TYR A 515 -38.91 7.95 39.21
C TYR A 515 -37.55 8.51 39.64
N ASP A 516 -37.12 8.20 40.87
CA ASP A 516 -35.83 8.68 41.39
C ASP A 516 -34.66 8.11 40.58
N VAL A 517 -34.86 6.93 40.00
CA VAL A 517 -33.84 6.27 39.22
C VAL A 517 -33.76 6.85 37.83
N LEU A 518 -34.92 7.16 37.26
CA LEU A 518 -35.02 7.69 35.93
C LEU A 518 -34.72 9.16 35.90
N SER A 519 -34.73 9.80 37.05
CA SER A 519 -34.52 11.25 37.07
C SER A 519 -33.03 11.61 36.92
N SER A 520 -32.15 10.62 36.98
CA SER A 520 -30.71 10.87 36.89
C SER A 520 -30.05 9.91 35.92
N ASP A 521 -29.29 10.42 34.96
CA ASP A 521 -28.70 9.55 33.92
C ASP A 521 -27.62 8.62 34.48
N GLU A 522 -26.86 9.09 35.46
CA GLU A 522 -25.94 8.23 36.17
C GLU A 522 -26.63 6.93 36.64
N LYS A 523 -27.77 7.09 37.31
CA LYS A 523 -28.45 5.96 37.94
C LYS A 523 -29.15 5.20 36.87
N PHE A 525 -28.62 4.98 33.66
CA PHE A 525 -27.62 4.15 32.99
C PHE A 525 -27.09 3.01 33.83
N ALA A 526 -26.81 3.24 35.10
CA ALA A 526 -26.17 2.19 35.92
C ALA A 526 -27.06 0.99 36.18
N PHE A 527 -28.37 1.16 36.04
CA PHE A 527 -29.35 0.15 36.36
C PHE A 527 -29.85 -0.58 35.11
N PHE A 528 -30.10 0.17 34.03
CA PHE A 528 -30.67 -0.39 32.81
C PHE A 528 -29.69 -0.61 31.67
N ALA A 529 -28.47 -0.12 31.79
CA ALA A 529 -27.52 -0.16 30.66
C ALA A 529 -26.06 0.13 31.04
N PRO A 530 -25.54 -0.54 32.08
CA PRO A 530 -24.18 -0.33 32.51
C PRO A 530 -23.10 -0.69 31.50
N GLN A 531 -23.38 -1.68 30.63
CA GLN A 531 -22.36 -2.06 29.65
C GLN A 531 -21.98 -0.98 28.64
N ILE A 532 -22.81 0.04 28.45
CA ILE A 532 -22.44 1.14 27.57
C ILE A 532 -21.23 1.85 28.16
N GLN A 533 -21.25 2.16 29.47
CA GLN A 533 -20.09 2.81 30.05
C GLN A 533 -18.89 1.85 30.01
N GLN A 534 -19.15 0.59 30.31
CA GLN A 534 -18.10 -0.40 30.34
C GLN A 534 -17.43 -0.53 28.98
N GLU A 536 -17.35 1.76 26.74
CA GLU A 536 -16.69 3.01 26.44
C GLU A 536 -15.27 2.99 27.00
N GLN A 537 -15.14 2.52 28.23
CA GLN A 537 -13.86 2.24 28.88
C GLN A 537 -12.92 1.42 27.99
N VAL A 538 -13.41 0.28 27.51
CA VAL A 538 -12.63 -0.58 26.65
C VAL A 538 -12.22 0.13 25.40
N VAL A 539 -13.14 0.89 24.81
CA VAL A 539 -12.83 1.58 23.57
C VAL A 539 -11.78 2.63 23.87
N THR A 540 -11.93 3.31 25.01
CA THR A 540 -11.01 4.37 25.41
C THR A 540 -9.63 3.83 25.59
N GLU A 541 -9.50 2.60 26.09
CA GLU A 541 -8.20 1.98 26.32
C GLU A 541 -7.57 1.57 25.01
N LEU A 542 -8.36 0.93 24.18
CA LEU A 542 -7.89 0.57 22.87
C LEU A 542 -7.33 1.77 22.07
N ALA A 543 -7.86 2.95 22.34
CA ALA A 543 -7.41 4.15 21.65
C ALA A 543 -5.99 4.44 22.04
N GLU A 544 -5.72 4.35 23.33
CA GLU A 544 -4.40 4.67 23.88
C GLU A 544 -3.31 3.73 23.40
N LYS A 545 -3.64 2.45 23.27
CA LYS A 545 -2.70 1.42 22.82
C LYS A 545 -2.39 1.52 21.34
N SER A 546 -3.11 2.39 20.66
CA SER A 546 -2.95 2.58 19.24
C SER A 546 -1.90 3.62 18.88
N GLN A 547 -1.26 4.24 19.87
CA GLN A 547 -0.39 5.34 19.59
C GLN A 547 0.88 4.89 18.93
N ALA A 548 1.42 3.77 19.39
CA ALA A 548 2.76 3.42 18.98
C ALA A 548 2.87 3.24 17.46
N ILE A 549 1.82 2.71 16.83
CA ILE A 549 1.85 2.59 15.36
C ILE A 549 1.63 3.92 14.70
N ARG A 550 0.75 4.72 15.26
CA ARG A 550 0.51 6.04 14.71
C ARG A 550 1.81 6.83 14.67
N ASP A 551 2.59 6.79 15.74
CA ASP A 551 3.91 7.41 15.75
C ASP A 551 4.75 6.90 14.58
N ASN A 552 4.69 5.61 14.35
CA ASN A 552 5.53 4.97 13.34
C ASN A 552 5.04 5.23 11.95
N ARG A 553 3.74 5.17 11.79
CA ARG A 553 3.18 5.34 10.47
C ARG A 553 3.47 6.74 9.96
N GLN A 554 3.50 7.71 10.86
CA GLN A 554 3.77 9.07 10.45
C GLN A 554 5.17 9.20 9.94
N LYS A 555 6.16 8.78 10.75
CA LYS A 555 7.56 8.87 10.36
C LYS A 555 7.69 8.20 9.01
N LEU A 556 7.21 6.98 8.88
CA LEU A 556 7.32 6.26 7.62
C LEU A 556 6.69 6.97 6.43
N SER A 557 5.60 7.70 6.63
CA SER A 557 4.93 8.29 5.50
C SER A 557 5.72 9.49 4.98
N LEU A 558 6.18 10.31 5.90
CA LEU A 558 7.04 11.41 5.62
C LEU A 558 8.26 10.90 4.88
N ILE A 559 8.77 9.78 5.34
CA ILE A 559 9.89 9.12 4.69
C ILE A 559 9.58 8.62 3.28
N GLN A 560 8.43 7.96 3.08
CA GLN A 560 8.11 7.42 1.77
C GLN A 560 7.77 8.51 0.73
N THR A 561 7.35 9.67 1.21
CA THR A 561 7.02 10.73 0.31
C THR A 561 8.29 11.10 -0.43
N GLN A 562 9.39 11.19 0.32
CA GLN A 562 10.71 11.48 -0.23
C GLN A 562 11.20 10.36 -1.13
N LEU A 563 11.03 9.11 -0.72
CA LEU A 563 11.41 7.97 -1.56
C LEU A 563 10.67 8.01 -2.87
N ALA A 564 9.37 8.28 -2.82
CA ALA A 564 8.60 8.27 -4.06
C ALA A 564 9.16 9.33 -5.03
N GLN A 565 9.54 10.47 -4.46
CA GLN A 565 10.16 11.52 -5.22
C GLN A 565 11.45 11.06 -5.87
N LEU A 566 12.26 10.33 -5.11
CA LEU A 566 13.59 9.97 -5.60
C LEU A 566 13.50 8.92 -6.69
N VAL A 568 11.00 8.61 -9.02
CA VAL A 568 10.32 8.98 -10.27
C VAL A 568 11.30 8.86 -11.44
N PRO A 569 12.48 9.48 -11.32
CA PRO A 569 13.44 9.32 -12.40
C PRO A 569 13.71 7.84 -12.74
N ALA A 570 13.86 7.00 -11.71
CA ALA A 570 14.20 5.57 -11.91
C ALA A 570 13.11 4.79 -12.66
N THR A 571 11.87 5.28 -12.61
CA THR A 571 10.76 4.84 -13.48
C THR A 571 10.83 5.63 -14.80
#